data_2WSJ
#
_entry.id   2WSJ
#
_cell.length_a   108.811
_cell.length_b   52.756
_cell.length_c   82.095
_cell.angle_alpha   90.00
_cell.angle_beta   122.44
_cell.angle_gamma   90.00
#
_symmetry.space_group_name_H-M   'C 1 2 1'
#
loop_
_entity.id
_entity.type
_entity.pdbx_description
1 polymer 'P-COUMARIC ACID DECARBOXYLASE'
2 non-polymer 'BARIUM ION'
3 non-polymer 'ISOPROPYL ALCOHOL'
4 non-polymer 'SODIUM ION'
5 non-polymer 'CHLORIDE ION'
6 water water
#
_entity_poly.entity_id   1
_entity_poly.type   'polypeptide(L)'
_entity_poly.pdbx_seq_one_letter_code
;MTKTFKTLDDFLGTHFIYTYDNGWEYEWYAKNDHTVDYRIHGGMVAGRWVTDQKADIVMLTEGIYKISWTSPTGTDVALD
FMPNEKKLHGTIFFPKWVEEHPEITVTYQNEHIDLMEQSREKYATYPKLVVPEFANITYMGDAGQNNEDVISEAPYKEMP
NDIRNGKYFDQNYHRLNK
;
_entity_poly.pdbx_strand_id   A,B
#
loop_
_chem_comp.id
_chem_comp.type
_chem_comp.name
_chem_comp.formula
BA non-polymer 'BARIUM ION' 'Ba 2'
CL non-polymer 'CHLORIDE ION' 'Cl -1'
IPA non-polymer 'ISOPROPYL ALCOHOL' 'C3 H8 O'
NA non-polymer 'SODIUM ION' 'Na 1'
#
# COMPACT_ATOMS: atom_id res chain seq x y z
N THR A 2 -0.88 5.17 28.91
CA THR A 2 -1.06 5.44 27.46
C THR A 2 -0.14 6.58 27.03
N LYS A 3 0.60 6.38 25.93
CA LYS A 3 1.41 7.47 25.35
C LYS A 3 0.84 7.94 24.00
N THR A 4 0.91 9.25 23.76
CA THR A 4 0.48 9.84 22.50
C THR A 4 1.60 9.74 21.48
N PHE A 5 1.28 9.13 20.34
CA PHE A 5 2.19 9.09 19.20
C PHE A 5 1.96 10.34 18.37
N LYS A 6 3.01 11.14 18.19
CA LYS A 6 2.88 12.43 17.52
C LYS A 6 3.89 12.66 16.38
N THR A 7 5.10 12.14 16.53
CA THR A 7 6.18 12.37 15.56
C THR A 7 6.64 11.05 14.93
N LEU A 8 7.48 11.12 13.89
CA LEU A 8 8.09 9.91 13.35
C LEU A 8 8.99 9.21 14.38
N ASP A 9 9.71 10.02 15.16
CA ASP A 9 10.58 9.53 16.24
C ASP A 9 9.85 8.77 17.35
N ASP A 10 8.60 9.16 17.65
CA ASP A 10 7.75 8.45 18.62
C ASP A 10 7.47 7.02 18.15
N PHE A 11 7.35 6.87 16.84
CA PHE A 11 6.96 5.61 16.22
C PHE A 11 8.14 4.65 16.07
N LEU A 12 9.26 5.14 15.56
CA LEU A 12 10.46 4.32 15.36
C LEU A 12 10.91 3.66 16.67
N GLY A 13 11.35 2.42 16.56
CA GLY A 13 11.76 1.62 17.72
C GLY A 13 10.61 0.93 18.43
N THR A 14 9.38 1.11 17.94
CA THR A 14 8.18 0.53 18.55
C THR A 14 7.97 -0.90 18.03
N HIS A 15 7.56 -1.79 18.94
CA HIS A 15 7.40 -3.21 18.68
C HIS A 15 5.92 -3.57 18.85
N PHE A 16 5.29 -4.06 17.78
CA PHE A 16 3.84 -4.29 17.74
C PHE A 16 3.48 -5.76 17.64
N ILE A 17 2.38 -6.12 18.29
CA ILE A 17 1.68 -7.39 18.04
C ILE A 17 0.25 -6.99 17.67
N TYR A 18 -0.31 -7.65 16.66
CA TYR A 18 -1.65 -7.33 16.22
C TYR A 18 -2.36 -8.52 15.56
N THR A 19 -3.69 -8.51 15.65
CA THR A 19 -4.53 -9.49 15.00
C THR A 19 -5.38 -8.82 13.94
N TYR A 20 -5.22 -9.26 12.70
CA TYR A 20 -6.08 -8.82 11.59
C TYR A 20 -7.50 -9.34 11.75
N ASP A 21 -8.44 -8.65 11.09
CA ASP A 21 -9.85 -9.00 11.13
C ASP A 21 -10.16 -10.38 10.48
N ASN A 22 -9.18 -10.98 9.83
CA ASN A 22 -9.34 -12.32 9.23
C ASN A 22 -8.78 -13.42 10.12
N GLY A 23 -8.46 -13.06 11.36
CA GLY A 23 -7.92 -14.00 12.33
C GLY A 23 -6.40 -14.06 12.40
N TRP A 24 -5.73 -13.46 11.41
CA TRP A 24 -4.28 -13.59 11.26
C TRP A 24 -3.51 -12.70 12.25
N GLU A 25 -2.60 -13.32 13.00
CA GLU A 25 -1.79 -12.61 14.01
C GLU A 25 -0.37 -12.36 13.55
N TYR A 26 0.02 -11.09 13.54
CA TYR A 26 1.32 -10.64 13.07
C TYR A 26 2.11 -9.90 14.16
N GLU A 27 3.42 -9.79 13.95
CA GLU A 27 4.33 -9.08 14.84
C GLU A 27 5.31 -8.30 13.97
N TRP A 28 5.58 -7.06 14.34
CA TRP A 28 6.32 -6.16 13.49
C TRP A 28 7.09 -5.12 14.30
N TYR A 29 8.28 -4.77 13.81
CA TYR A 29 9.15 -3.88 14.54
C TYR A 29 9.76 -2.86 13.59
N ALA A 30 9.65 -1.58 13.96
CA ALA A 30 10.28 -0.48 13.22
C ALA A 30 11.71 -0.27 13.73
N LYS A 31 12.63 -1.12 13.27
CA LYS A 31 14.04 -1.11 13.72
C LYS A 31 14.74 0.25 13.62
N ASN A 32 14.53 0.94 12.49
CA ASN A 32 15.01 2.29 12.24
C ASN A 32 14.22 2.86 11.05
N ASP A 33 14.64 4.00 10.52
CA ASP A 33 13.78 4.73 9.55
C ASP A 33 13.73 4.15 8.14
N HIS A 34 14.41 3.04 7.92
CA HIS A 34 14.43 2.38 6.63
C HIS A 34 14.48 0.85 6.74
N THR A 35 14.25 0.31 7.95
CA THR A 35 14.41 -1.12 8.20
C THR A 35 13.29 -1.66 9.09
N VAL A 36 12.74 -2.81 8.71
CA VAL A 36 11.72 -3.46 9.54
C VAL A 36 12.04 -4.92 9.78
N ASP A 37 11.63 -5.42 10.94
CA ASP A 37 11.67 -6.85 11.22
C ASP A 37 10.24 -7.27 11.48
N TYR A 38 9.92 -8.51 11.16
CA TYR A 38 8.60 -9.05 11.44
C TYR A 38 8.56 -10.58 11.56
N ARG A 39 7.47 -11.07 12.13
CA ARG A 39 7.36 -12.45 12.59
C ARG A 39 5.88 -12.81 12.64
N ILE A 40 5.53 -13.87 11.91
CA ILE A 40 4.13 -14.20 11.68
C ILE A 40 3.69 -15.40 12.52
N HIS A 41 2.60 -15.24 13.26
CA HIS A 41 2.16 -16.25 14.22
C HIS A 41 0.98 -17.10 13.74
N GLY A 42 0.08 -16.47 12.99
CA GLY A 42 -1.13 -17.14 12.54
C GLY A 42 -1.49 -16.78 11.12
N GLY A 43 -2.21 -17.68 10.45
CA GLY A 43 -2.62 -17.51 9.05
C GLY A 43 -1.82 -18.36 8.07
N MET A 44 -2.00 -18.05 6.80
CA MET A 44 -1.44 -18.75 5.63
C MET A 44 0.07 -19.02 5.70
N VAL A 45 0.83 -18.01 6.09
CA VAL A 45 2.31 -18.09 6.14
C VAL A 45 2.88 -18.03 7.57
N ALA A 46 2.10 -18.52 8.54
CA ALA A 46 2.50 -18.57 9.96
C ALA A 46 3.78 -19.35 10.16
N GLY A 47 4.67 -18.84 11.02
CA GLY A 47 5.99 -19.46 11.23
C GLY A 47 7.10 -18.71 10.52
N ARG A 48 6.74 -17.93 9.52
CA ARG A 48 7.69 -17.13 8.75
C ARG A 48 8.17 -15.91 9.56
N TRP A 49 9.46 -15.61 9.44
CA TRP A 49 10.03 -14.43 10.05
C TRP A 49 11.19 -13.82 9.25
N VAL A 50 11.35 -12.52 9.41
CA VAL A 50 12.17 -11.72 8.50
C VAL A 50 12.89 -10.65 9.31
N THR A 51 14.21 -10.60 9.20
CA THR A 51 14.95 -9.47 9.76
C THR A 51 15.63 -8.66 8.67
N ASP A 52 15.81 -7.36 8.95
CA ASP A 52 16.59 -6.47 8.09
C ASP A 52 15.98 -6.20 6.72
N GLN A 53 14.65 -6.16 6.67
CA GLN A 53 13.92 -5.85 5.46
C GLN A 53 13.89 -4.32 5.26
N LYS A 54 14.36 -3.88 4.10
CA LYS A 54 14.38 -2.45 3.74
C LYS A 54 12.99 -1.95 3.37
N ALA A 55 12.65 -0.76 3.87
CA ALA A 55 11.29 -0.24 3.80
C ALA A 55 11.26 1.28 3.76
N ASP A 56 10.33 1.82 2.99
CA ASP A 56 10.00 3.22 3.09
C ASP A 56 9.05 3.43 4.28
N ILE A 57 9.42 4.32 5.19
CA ILE A 57 8.63 4.60 6.40
C ILE A 57 8.41 6.11 6.52
N VAL A 58 7.16 6.55 6.42
CA VAL A 58 6.82 7.97 6.60
C VAL A 58 5.70 8.21 7.63
N MET A 59 5.65 9.41 8.18
CA MET A 59 4.47 9.83 8.91
C MET A 59 3.55 10.54 7.91
N LEU A 60 2.33 10.04 7.76
CA LEU A 60 1.35 10.63 6.83
C LEU A 60 0.84 11.97 7.35
N THR A 61 0.48 11.95 8.63
CA THR A 61 -0.02 13.11 9.34
C THR A 61 0.13 12.69 10.79
N GLU A 62 -0.12 13.62 11.70
CA GLU A 62 0.16 13.43 13.13
C GLU A 62 -0.37 12.12 13.70
N GLY A 63 0.55 11.24 14.08
CA GLY A 63 0.18 9.98 14.71
C GLY A 63 -0.24 8.85 13.80
N ILE A 64 -0.12 9.05 12.48
CA ILE A 64 -0.44 8.02 11.47
C ILE A 64 0.79 7.69 10.59
N TYR A 65 1.14 6.41 10.52
CA TYR A 65 2.41 5.99 9.93
C TYR A 65 2.23 4.94 8.83
N LYS A 66 2.83 5.21 7.68
CA LYS A 66 2.73 4.32 6.51
C LYS A 66 4.08 3.69 6.16
N ILE A 67 4.07 2.38 5.98
CA ILE A 67 5.27 1.60 5.67
C ILE A 67 5.06 0.76 4.42
N SER A 68 6.03 0.84 3.51
CA SER A 68 6.02 0.07 2.25
C SER A 68 7.31 -0.70 2.09
N TRP A 69 7.20 -1.96 1.68
CA TRP A 69 8.33 -2.76 1.26
C TRP A 69 7.93 -3.80 0.20
N THR A 70 8.90 -4.22 -0.61
CA THR A 70 8.70 -5.40 -1.43
C THR A 70 9.61 -6.52 -0.91
N SER A 71 9.13 -7.75 -1.03
CA SER A 71 9.78 -8.91 -0.44
C SER A 71 10.55 -9.73 -1.50
N PRO A 72 11.61 -10.47 -1.08
CA PRO A 72 12.33 -11.47 -1.91
C PRO A 72 11.44 -12.56 -2.49
N THR A 73 10.22 -12.70 -1.96
CA THR A 73 9.24 -13.63 -2.48
C THR A 73 8.47 -13.01 -3.65
N GLY A 74 8.50 -11.68 -3.72
CA GLY A 74 7.70 -10.92 -4.68
C GLY A 74 6.50 -10.23 -4.07
N THR A 75 6.24 -10.53 -2.78
CA THR A 75 5.13 -9.93 -2.05
C THR A 75 5.35 -8.43 -1.77
N ASP A 76 4.34 -7.62 -2.08
CA ASP A 76 4.36 -6.17 -1.83
C ASP A 76 3.47 -5.85 -0.64
N VAL A 77 3.94 -4.95 0.23
CA VAL A 77 3.20 -4.62 1.45
C VAL A 77 3.07 -3.11 1.68
N ALA A 78 1.90 -2.69 2.20
CA ALA A 78 1.63 -1.32 2.60
C ALA A 78 0.85 -1.30 3.93
N LEU A 79 1.54 -0.94 5.01
CA LEU A 79 0.96 -0.89 6.35
C LEU A 79 0.71 0.54 6.78
N ASP A 80 -0.47 0.76 7.36
CA ASP A 80 -0.84 2.05 7.96
C ASP A 80 -1.14 1.86 9.45
N PHE A 81 -0.27 2.40 10.30
CA PHE A 81 -0.44 2.33 11.74
C PHE A 81 -1.17 3.55 12.27
N MET A 82 -2.17 3.27 13.10
CA MET A 82 -2.90 4.30 13.85
C MET A 82 -2.84 3.93 15.34
N PRO A 83 -1.64 4.05 15.94
CA PRO A 83 -1.40 3.56 17.30
C PRO A 83 -2.13 4.27 18.46
N ASN A 84 -2.51 5.54 18.27
CA ASN A 84 -3.31 6.25 19.28
C ASN A 84 -4.75 5.73 19.37
N GLU A 85 -5.09 4.89 18.41
CA GLU A 85 -6.40 4.25 18.33
C GLU A 85 -6.29 2.74 18.46
N LYS A 86 -5.06 2.25 18.66
CA LYS A 86 -4.75 0.82 18.75
C LYS A 86 -5.25 0.04 17.54
N LYS A 87 -5.02 0.62 16.36
CA LYS A 87 -5.52 0.08 15.10
C LYS A 87 -4.48 0.21 14.01
N LEU A 88 -4.63 -0.60 12.97
CA LEU A 88 -3.69 -0.71 11.86
C LEU A 88 -4.53 -1.10 10.66
N HIS A 89 -4.07 -0.75 9.45
CA HIS A 89 -4.59 -1.33 8.22
C HIS A 89 -3.45 -1.78 7.32
N GLY A 90 -3.57 -3.00 6.80
CA GLY A 90 -2.56 -3.54 5.92
C GLY A 90 -3.13 -4.13 4.65
N THR A 91 -2.47 -3.84 3.54
CA THR A 91 -2.70 -4.55 2.28
C THR A 91 -1.46 -5.34 1.91
N ILE A 92 -1.66 -6.66 1.75
CA ILE A 92 -0.63 -7.58 1.31
C ILE A 92 -0.98 -8.04 -0.11
N PHE A 93 -0.05 -7.86 -1.04
CA PHE A 93 -0.25 -8.33 -2.41
C PHE A 93 0.61 -9.57 -2.68
N PHE A 94 0.01 -10.75 -2.49
CA PHE A 94 0.70 -12.02 -2.65
C PHE A 94 0.81 -12.43 -4.13
N PRO A 95 2.01 -12.88 -4.56
CA PRO A 95 2.07 -13.60 -5.83
C PRO A 95 1.32 -14.93 -5.71
N LYS A 96 0.75 -15.39 -6.83
CA LYS A 96 -0.08 -16.62 -6.88
C LYS A 96 0.59 -17.84 -6.25
N TRP A 97 1.89 -18.05 -6.53
CA TRP A 97 2.65 -19.18 -6.00
C TRP A 97 2.72 -19.23 -4.47
N VAL A 98 2.67 -18.07 -3.81
CA VAL A 98 2.67 -18.00 -2.34
C VAL A 98 1.36 -18.51 -1.76
N GLU A 99 0.23 -18.20 -2.41
CA GLU A 99 -1.05 -18.77 -1.99
C GLU A 99 -1.12 -20.29 -2.23
N GLU A 100 -0.52 -20.73 -3.34
CA GLU A 100 -0.48 -22.17 -3.71
C GLU A 100 0.52 -22.97 -2.87
N HIS A 101 1.67 -22.37 -2.56
CA HIS A 101 2.71 -23.06 -1.79
C HIS A 101 3.23 -22.22 -0.60
N PRO A 102 2.34 -21.85 0.35
CA PRO A 102 2.73 -20.92 1.43
C PRO A 102 3.89 -21.38 2.31
N GLU A 103 4.05 -22.69 2.46
CA GLU A 103 5.10 -23.25 3.32
C GLU A 103 6.52 -23.05 2.78
N ILE A 104 6.66 -22.86 1.47
CA ILE A 104 7.96 -22.47 0.88
C ILE A 104 8.50 -21.20 1.54
N THR A 105 7.62 -20.25 1.85
CA THR A 105 8.02 -18.97 2.48
C THR A 105 8.12 -19.05 4.01
N VAL A 106 7.61 -20.14 4.59
CA VAL A 106 7.66 -20.30 6.04
C VAL A 106 9.04 -20.80 6.45
N THR A 107 9.85 -19.88 6.98
CA THR A 107 11.24 -20.16 7.33
C THR A 107 11.86 -18.85 7.82
N TYR A 108 13.14 -18.91 8.20
CA TYR A 108 13.91 -17.70 8.42
C TYR A 108 14.42 -17.25 7.06
N GLN A 109 13.74 -16.26 6.48
CA GLN A 109 13.97 -15.84 5.10
C GLN A 109 15.40 -15.44 4.82
N ASN A 110 16.04 -14.80 5.80
CA ASN A 110 17.42 -14.32 5.67
C ASN A 110 18.40 -15.42 5.31
N GLU A 111 18.10 -16.65 5.72
CA GLU A 111 18.96 -17.80 5.39
C GLU A 111 18.57 -18.48 4.07
N HIS A 112 17.48 -18.00 3.47
CA HIS A 112 16.93 -18.62 2.28
C HIS A 112 16.47 -17.60 1.24
N ILE A 113 17.28 -16.56 1.02
CA ILE A 113 16.96 -15.52 0.03
C ILE A 113 16.91 -16.10 -1.38
N ASP A 114 17.97 -16.80 -1.77
CA ASP A 114 18.08 -17.40 -3.10
C ASP A 114 16.90 -18.32 -3.42
N LEU A 115 16.45 -19.10 -2.44
CA LEU A 115 15.27 -19.95 -2.59
C LEU A 115 14.05 -19.12 -2.98
N MET A 116 13.82 -18.00 -2.29
CA MET A 116 12.69 -17.11 -2.57
C MET A 116 12.75 -16.50 -3.97
N GLU A 117 13.94 -16.05 -4.37
CA GLU A 117 14.16 -15.46 -5.69
C GLU A 117 14.01 -16.48 -6.82
N GLN A 118 14.48 -17.71 -6.60
CA GLN A 118 14.32 -18.79 -7.56
C GLN A 118 12.85 -19.17 -7.70
N SER A 119 12.14 -19.23 -6.56
CA SER A 119 10.73 -19.59 -6.53
C SER A 119 9.86 -18.61 -7.31
N ARG A 120 10.05 -17.31 -7.06
CA ARG A 120 9.25 -16.24 -7.68
C ARG A 120 9.37 -16.15 -9.20
N GLU A 121 10.48 -16.63 -9.76
CA GLU A 121 10.65 -16.71 -11.22
C GLU A 121 10.14 -18.03 -11.79
N LYS A 122 10.24 -19.09 -10.99
CA LYS A 122 9.84 -20.44 -11.42
C LYS A 122 8.34 -20.60 -11.40
N TYR A 123 7.71 -20.19 -10.30
CA TYR A 123 6.28 -20.39 -10.11
C TYR A 123 5.44 -19.16 -10.50
N ALA A 124 4.11 -19.36 -10.56
CA ALA A 124 3.19 -18.36 -11.11
C ALA A 124 3.03 -17.14 -10.20
N THR A 125 2.79 -16.00 -10.83
CA THR A 125 2.69 -14.74 -10.11
C THR A 125 1.24 -14.27 -10.12
N TYR A 126 0.54 -14.59 -11.20
CA TYR A 126 -0.83 -14.10 -11.44
C TYR A 126 -1.86 -15.26 -11.51
N PRO A 127 -3.10 -15.03 -11.03
CA PRO A 127 -3.60 -13.82 -10.35
C PRO A 127 -3.08 -13.65 -8.93
N LYS A 128 -3.00 -12.40 -8.49
CA LYS A 128 -2.48 -12.08 -7.18
C LYS A 128 -3.54 -12.31 -6.11
N LEU A 129 -3.10 -12.71 -4.92
CA LEU A 129 -3.98 -12.71 -3.75
C LEU A 129 -3.76 -11.42 -2.97
N VAL A 130 -4.78 -10.58 -2.92
CA VAL A 130 -4.74 -9.31 -2.21
C VAL A 130 -5.52 -9.37 -0.89
N VAL A 131 -4.83 -9.14 0.22
CA VAL A 131 -5.45 -9.16 1.54
C VAL A 131 -5.40 -7.76 2.21
N PRO A 132 -6.53 -7.00 1.92
CA PRO A 132 -6.86 -5.61 2.59
C PRO A 132 -7.59 -5.72 3.92
N GLU A 133 -6.91 -5.71 5.08
CA GLU A 133 -7.64 -5.86 6.35
C GLU A 133 -7.22 -4.89 7.47
N PHE A 134 -8.18 -4.51 8.31
CA PHE A 134 -7.86 -3.76 9.52
C PHE A 134 -7.34 -4.75 10.56
N ALA A 135 -6.70 -4.22 11.59
CA ALA A 135 -6.24 -5.02 12.73
C ALA A 135 -6.38 -4.26 14.04
N ASN A 136 -6.57 -5.01 15.13
CA ASN A 136 -6.44 -4.46 16.47
C ASN A 136 -5.01 -4.69 16.97
N ILE A 137 -4.39 -3.64 17.49
CA ILE A 137 -3.09 -3.75 18.16
C ILE A 137 -3.30 -4.28 19.59
N THR A 138 -2.61 -5.37 19.92
CA THR A 138 -2.70 -6.00 21.25
C THR A 138 -1.47 -5.75 22.12
N TYR A 139 -0.35 -5.38 21.49
CA TYR A 139 0.88 -5.10 22.21
C TYR A 139 1.70 -3.97 21.59
N MET A 140 2.14 -3.04 22.45
CA MET A 140 3.06 -1.97 22.07
C MET A 140 4.23 -1.85 23.06
N GLY A 141 5.44 -2.07 22.56
CA GLY A 141 6.63 -1.93 23.40
C GLY A 141 7.63 -0.99 22.78
N ASP A 142 8.21 -0.12 23.59
CA ASP A 142 9.27 0.76 23.14
C ASP A 142 10.61 0.05 23.27
N ALA A 143 11.04 -0.59 22.19
CA ALA A 143 12.22 -1.44 22.16
C ALA A 143 13.48 -0.63 21.95
N GLY A 144 13.31 0.59 21.44
CA GLY A 144 14.44 1.41 20.99
C GLY A 144 14.81 0.99 19.58
N GLN A 145 15.56 1.83 18.88
CA GLN A 145 15.96 1.53 17.52
C GLN A 145 17.16 0.57 17.49
N ASN A 146 17.31 -0.14 16.37
CA ASN A 146 18.45 -1.04 16.14
C ASN A 146 18.70 -2.03 17.28
N ASN A 147 17.61 -2.62 17.75
CA ASN A 147 17.62 -3.61 18.82
C ASN A 147 17.49 -5.01 18.25
N GLU A 148 18.58 -5.77 18.31
CA GLU A 148 18.69 -7.07 17.67
C GLU A 148 17.92 -8.19 18.37
N ASP A 149 17.58 -8.00 19.64
CA ASP A 149 16.86 -9.01 20.42
C ASP A 149 15.37 -9.14 20.10
N VAL A 150 14.80 -8.12 19.46
CA VAL A 150 13.35 -8.02 19.28
C VAL A 150 12.78 -9.19 18.46
N ILE A 151 13.24 -9.34 17.23
CA ILE A 151 12.89 -10.48 16.38
C ILE A 151 14.18 -11.26 16.09
N SER A 152 14.52 -12.19 16.96
CA SER A 152 15.81 -12.90 16.86
C SER A 152 15.71 -14.43 16.96
N GLU A 153 14.50 -14.95 16.83
CA GLU A 153 14.25 -16.40 16.86
C GLU A 153 12.88 -16.72 16.24
N ALA A 154 12.71 -17.95 15.77
CA ALA A 154 11.45 -18.45 15.23
C ALA A 154 10.30 -18.37 16.25
N PRO A 155 9.07 -18.15 15.78
CA PRO A 155 7.93 -18.06 16.71
C PRO A 155 7.60 -19.40 17.36
N TYR A 156 7.07 -19.36 18.57
CA TYR A 156 6.50 -20.55 19.18
C TYR A 156 5.08 -20.27 19.67
N LYS A 157 4.31 -21.33 19.85
CA LYS A 157 2.91 -21.21 20.27
C LYS A 157 2.65 -20.08 21.28
N GLU A 158 3.38 -20.12 22.40
CA GLU A 158 3.14 -19.22 23.52
C GLU A 158 3.80 -17.83 23.43
N MET A 159 4.54 -17.59 22.37
CA MET A 159 5.36 -16.38 22.27
C MET A 159 4.60 -15.05 22.39
N PRO A 160 3.54 -14.84 21.57
CA PRO A 160 2.77 -13.60 21.75
C PRO A 160 2.30 -13.34 23.18
N ASN A 161 1.82 -14.39 23.88
CA ASN A 161 1.40 -14.26 25.28
C ASN A 161 2.59 -13.90 26.20
N ASP A 162 3.68 -14.66 26.10
CA ASP A 162 4.93 -14.34 26.80
C ASP A 162 5.30 -12.85 26.69
N ILE A 163 5.20 -12.27 25.49
CA ILE A 163 5.53 -10.85 25.26
C ILE A 163 4.48 -9.91 25.90
N ARG A 164 3.20 -10.16 25.62
CA ARG A 164 2.08 -9.42 26.21
C ARG A 164 2.04 -9.45 27.75
N ASN A 165 2.54 -10.55 28.31
CA ASN A 165 2.49 -10.74 29.76
C ASN A 165 3.72 -10.26 30.50
N GLY A 166 4.73 -9.79 29.75
CA GLY A 166 5.95 -9.26 30.34
C GLY A 166 6.87 -10.36 30.85
N LYS A 167 6.89 -11.48 30.13
CA LYS A 167 7.71 -12.64 30.49
C LYS A 167 8.69 -13.03 29.38
N TYR A 168 9.09 -12.07 28.55
CA TYR A 168 9.99 -12.35 27.42
C TYR A 168 11.28 -11.49 27.38
N PHE A 169 11.14 -10.19 27.63
CA PHE A 169 12.26 -9.24 27.65
C PHE A 169 12.52 -8.72 29.07
N ASP A 170 13.76 -8.29 29.31
CA ASP A 170 14.14 -7.66 30.58
C ASP A 170 13.80 -6.15 30.61
N GLN A 171 14.21 -5.47 31.67
CA GLN A 171 13.99 -4.03 31.83
C GLN A 171 14.55 -3.20 30.67
N ASN A 172 15.61 -3.71 30.04
CA ASN A 172 16.30 -2.99 28.97
C ASN A 172 15.88 -3.46 27.59
N TYR A 173 14.82 -4.28 27.57
CA TYR A 173 14.24 -4.84 26.35
C TYR A 173 15.20 -5.78 25.61
N HIS A 174 15.94 -6.57 26.39
CA HIS A 174 16.72 -7.69 25.86
C HIS A 174 16.07 -9.00 26.33
N ARG A 175 16.28 -10.09 25.59
CA ARG A 175 15.67 -11.38 25.96
C ARG A 175 16.33 -11.92 27.22
N LEU A 176 15.61 -12.69 28.02
CA LEU A 176 16.28 -13.53 29.04
C LEU A 176 16.65 -14.87 28.45
N THR B 2 -12.65 24.71 1.03
CA THR B 2 -12.77 23.22 0.91
C THR B 2 -13.72 22.65 1.95
N LYS B 3 -14.58 21.73 1.52
CA LYS B 3 -15.43 20.98 2.44
C LYS B 3 -14.61 20.10 3.39
N THR B 4 -15.12 19.94 4.60
CA THR B 4 -14.52 19.06 5.60
C THR B 4 -14.96 17.62 5.31
N PHE B 5 -13.97 16.75 5.15
CA PHE B 5 -14.17 15.33 4.92
C PHE B 5 -14.15 14.61 6.27
N LYS B 6 -15.25 13.95 6.60
CA LYS B 6 -15.41 13.30 7.90
C LYS B 6 -15.71 11.82 7.77
N THR B 7 -16.49 11.48 6.74
CA THR B 7 -17.03 10.14 6.55
C THR B 7 -16.59 9.59 5.20
N LEU B 8 -16.77 8.27 5.03
CA LEU B 8 -16.49 7.63 3.74
C LEU B 8 -17.34 8.24 2.62
N ASP B 9 -18.58 8.58 2.96
CA ASP B 9 -19.55 9.18 2.02
C ASP B 9 -19.01 10.49 1.42
N ASP B 10 -18.49 11.36 2.28
CA ASP B 10 -17.89 12.65 1.87
C ASP B 10 -16.83 12.44 0.79
N PHE B 11 -16.11 11.32 0.87
CA PHE B 11 -14.99 11.01 -0.02
C PHE B 11 -15.42 10.46 -1.38
N LEU B 12 -16.32 9.47 -1.36
CA LEU B 12 -16.87 8.84 -2.58
C LEU B 12 -17.47 9.85 -3.55
N GLY B 13 -17.13 9.71 -4.82
CA GLY B 13 -17.55 10.67 -5.83
C GLY B 13 -16.63 11.86 -5.98
N THR B 14 -15.48 11.86 -5.30
CA THR B 14 -14.53 12.97 -5.43
C THR B 14 -13.54 12.74 -6.56
N HIS B 15 -13.28 13.81 -7.31
CA HIS B 15 -12.42 13.80 -8.49
C HIS B 15 -11.19 14.64 -8.16
N PHE B 16 -10.01 14.00 -8.25
CA PHE B 16 -8.75 14.60 -7.79
C PHE B 16 -7.77 14.80 -8.93
N ILE B 17 -6.95 15.85 -8.81
CA ILE B 17 -5.72 15.98 -9.58
C ILE B 17 -4.65 16.34 -8.57
N TYR B 18 -3.49 15.69 -8.64
CA TYR B 18 -2.42 15.88 -7.66
C TYR B 18 -1.07 15.60 -8.31
N THR B 19 -0.03 16.26 -7.81
CA THR B 19 1.35 16.14 -8.32
C THR B 19 2.23 15.51 -7.26
N TYR B 20 2.76 14.33 -7.54
CA TYR B 20 3.70 13.69 -6.61
C TYR B 20 4.99 14.52 -6.45
N ASP B 21 5.76 14.23 -5.40
CA ASP B 21 6.97 14.98 -5.06
C ASP B 21 8.09 14.87 -6.11
N ASN B 22 7.96 13.87 -6.99
CA ASN B 22 8.83 13.71 -8.15
C ASN B 22 8.36 14.52 -9.36
N GLY B 23 7.26 15.26 -9.21
CA GLY B 23 6.68 16.02 -10.31
C GLY B 23 5.58 15.34 -11.13
N TRP B 24 5.29 14.07 -10.84
CA TRP B 24 4.31 13.31 -11.61
C TRP B 24 2.88 13.70 -11.30
N GLU B 25 2.21 14.25 -12.31
CA GLU B 25 0.82 14.65 -12.20
C GLU B 25 -0.10 13.48 -12.51
N TYR B 26 -0.97 13.16 -11.55
CA TYR B 26 -2.01 12.12 -11.72
C TYR B 26 -3.39 12.73 -11.53
N GLU B 27 -4.40 11.95 -11.93
CA GLU B 27 -5.79 12.32 -11.79
C GLU B 27 -6.52 11.02 -11.46
N TRP B 28 -7.48 11.08 -10.54
CA TRP B 28 -8.04 9.88 -9.95
C TRP B 28 -9.43 10.21 -9.41
N TYR B 29 -10.36 9.28 -9.56
CA TYR B 29 -11.76 9.48 -9.21
C TYR B 29 -12.35 8.28 -8.44
N ALA B 30 -12.92 8.55 -7.26
CA ALA B 30 -13.63 7.51 -6.50
C ALA B 30 -15.05 7.35 -7.05
N LYS B 31 -15.22 6.49 -8.06
CA LYS B 31 -16.52 6.34 -8.71
C LYS B 31 -17.60 5.70 -7.82
N ASN B 32 -17.24 4.64 -7.12
CA ASN B 32 -18.06 4.11 -6.03
C ASN B 32 -17.22 3.47 -4.94
N ASP B 33 -17.85 2.76 -4.01
CA ASP B 33 -17.12 2.18 -2.88
C ASP B 33 -16.17 1.00 -3.24
N HIS B 34 -16.23 0.55 -4.49
CA HIS B 34 -15.36 -0.54 -4.95
C HIS B 34 -14.76 -0.32 -6.35
N THR B 35 -14.83 0.92 -6.85
CA THR B 35 -14.43 1.21 -8.23
C THR B 35 -13.72 2.56 -8.38
N VAL B 36 -12.57 2.54 -9.05
CA VAL B 36 -11.79 3.74 -9.31
C VAL B 36 -11.53 3.91 -10.82
N ASP B 37 -11.51 5.16 -11.27
CA ASP B 37 -11.09 5.53 -12.62
C ASP B 37 -9.87 6.42 -12.44
N TYR B 38 -8.88 6.31 -13.33
CA TYR B 38 -7.71 7.20 -13.24
C TYR B 38 -7.07 7.54 -14.58
N ARG B 39 -6.29 8.62 -14.61
CA ARG B 39 -5.73 9.14 -15.84
C ARG B 39 -4.38 9.83 -15.56
N ILE B 40 -3.36 9.46 -16.33
CA ILE B 40 -1.98 9.85 -16.00
C ILE B 40 -1.42 10.92 -16.95
N HIS B 41 -0.90 12.01 -16.37
CA HIS B 41 -0.45 13.18 -17.14
C HIS B 41 1.05 13.38 -17.10
N GLY B 42 1.73 12.68 -16.20
CA GLY B 42 3.16 12.88 -16.00
C GLY B 42 3.91 11.61 -15.68
N GLY B 43 5.19 11.59 -16.05
CA GLY B 43 6.11 10.53 -15.67
C GLY B 43 6.25 9.34 -16.59
N MET B 44 6.67 8.22 -16.01
CA MET B 44 7.01 7.01 -16.74
C MET B 44 5.90 6.50 -17.67
N VAL B 45 4.65 6.59 -17.22
CA VAL B 45 3.51 6.08 -17.98
C VAL B 45 2.45 7.15 -18.25
N ALA B 46 2.93 8.35 -18.59
CA ALA B 46 2.08 9.50 -18.93
C ALA B 46 1.30 9.24 -20.21
N GLY B 47 -0.01 9.47 -20.17
CA GLY B 47 -0.87 9.14 -21.33
C GLY B 47 -1.83 7.98 -21.05
N ARG B 48 -1.41 7.08 -20.17
CA ARG B 48 -2.22 5.96 -19.70
C ARG B 48 -3.46 6.45 -18.96
N TRP B 49 -4.59 5.80 -19.21
CA TRP B 49 -5.79 6.01 -18.41
C TRP B 49 -6.56 4.71 -18.22
N VAL B 50 -7.27 4.61 -17.10
CA VAL B 50 -8.00 3.38 -16.73
C VAL B 50 -9.41 3.74 -16.25
N THR B 51 -10.38 2.91 -16.58
CA THR B 51 -11.72 3.03 -15.97
C THR B 51 -12.16 1.71 -15.38
N ASP B 52 -13.12 1.79 -14.45
CA ASP B 52 -13.79 0.60 -13.88
C ASP B 52 -12.82 -0.41 -13.24
N GLN B 53 -11.73 0.11 -12.67
CA GLN B 53 -10.78 -0.71 -11.93
C GLN B 53 -11.39 -1.03 -10.57
N LYS B 54 -11.42 -2.31 -10.21
CA LYS B 54 -11.91 -2.71 -8.90
C LYS B 54 -10.85 -2.51 -7.82
N ALA B 55 -11.29 -2.01 -6.67
CA ALA B 55 -10.40 -1.61 -5.60
C ALA B 55 -11.04 -1.78 -4.23
N ASP B 56 -10.21 -2.01 -3.21
CA ASP B 56 -10.66 -1.88 -1.83
C ASP B 56 -10.50 -0.43 -1.37
N ILE B 57 -11.61 0.17 -0.92
CA ILE B 57 -11.63 1.57 -0.47
C ILE B 57 -12.21 1.63 0.94
N VAL B 58 -11.42 2.15 1.90
CA VAL B 58 -11.89 2.30 3.28
C VAL B 58 -11.53 3.65 3.92
N MET B 59 -12.31 4.05 4.92
CA MET B 59 -11.89 5.14 5.81
C MET B 59 -11.01 4.56 6.92
N LEU B 60 -9.76 5.04 6.99
CA LEU B 60 -8.79 4.60 7.99
C LEU B 60 -9.12 5.16 9.36
N THR B 61 -9.37 6.46 9.37
CA THR B 61 -9.80 7.21 10.54
C THR B 61 -10.41 8.50 9.98
N GLU B 62 -11.13 9.25 10.82
CA GLU B 62 -11.93 10.38 10.35
C GLU B 62 -11.21 11.26 9.34
N GLY B 63 -11.67 11.22 8.09
CA GLY B 63 -11.12 12.06 7.02
C GLY B 63 -9.82 11.63 6.38
N ILE B 64 -9.42 10.38 6.62
CA ILE B 64 -8.22 9.76 6.02
C ILE B 64 -8.67 8.49 5.30
N TYR B 65 -8.26 8.32 4.04
CA TYR B 65 -8.78 7.22 3.20
C TYR B 65 -7.70 6.41 2.51
N LYS B 66 -7.87 5.09 2.52
CA LYS B 66 -6.93 4.18 1.86
C LYS B 66 -7.59 3.35 0.75
N ILE B 67 -6.94 3.34 -0.40
CA ILE B 67 -7.39 2.59 -1.57
C ILE B 67 -6.30 1.61 -2.01
N SER B 68 -6.69 0.36 -2.22
CA SER B 68 -5.78 -0.69 -2.63
C SER B 68 -6.31 -1.36 -3.89
N TRP B 69 -5.47 -1.46 -4.90
CA TRP B 69 -5.79 -2.29 -6.07
C TRP B 69 -4.56 -2.91 -6.73
N THR B 70 -4.82 -3.96 -7.50
CA THR B 70 -3.83 -4.59 -8.35
C THR B 70 -4.29 -4.49 -9.81
N SER B 71 -3.34 -4.32 -10.72
CA SER B 71 -3.62 -3.93 -12.10
C SER B 71 -3.46 -5.12 -13.06
N PRO B 72 -4.13 -5.06 -14.24
CA PRO B 72 -3.87 -6.02 -15.34
C PRO B 72 -2.40 -6.08 -15.78
N THR B 73 -1.64 -5.02 -15.48
CA THR B 73 -0.23 -4.93 -15.79
C THR B 73 0.62 -5.71 -14.79
N GLY B 74 0.02 -6.01 -13.63
CA GLY B 74 0.75 -6.57 -12.50
C GLY B 74 1.09 -5.52 -11.44
N THR B 75 0.77 -4.25 -11.72
CA THR B 75 1.14 -3.13 -10.86
C THR B 75 0.25 -3.12 -9.62
N ASP B 76 0.87 -2.98 -8.44
CA ASP B 76 0.13 -2.89 -7.18
C ASP B 76 0.14 -1.43 -6.69
N VAL B 77 -1.01 -0.92 -6.26
CA VAL B 77 -1.13 0.47 -5.79
C VAL B 77 -1.81 0.55 -4.41
N ALA B 78 -1.19 1.31 -3.50
CA ALA B 78 -1.80 1.66 -2.21
C ALA B 78 -1.80 3.17 -2.02
N LEU B 79 -3.00 3.75 -2.04
CA LEU B 79 -3.17 5.20 -1.97
C LEU B 79 -3.75 5.62 -0.64
N ASP B 80 -3.15 6.64 -0.03
CA ASP B 80 -3.68 7.24 1.19
C ASP B 80 -3.99 8.70 0.97
N PHE B 81 -5.27 9.05 1.08
CA PHE B 81 -5.73 10.43 0.91
C PHE B 81 -5.92 11.13 2.24
N MET B 82 -5.39 12.36 2.34
CA MET B 82 -5.65 13.25 3.47
C MET B 82 -6.22 14.57 2.93
N PRO B 83 -7.47 14.54 2.43
CA PRO B 83 -8.01 15.69 1.69
C PRO B 83 -8.19 16.99 2.47
N ASN B 84 -8.39 16.92 3.79
CA ASN B 84 -8.48 18.13 4.62
C ASN B 84 -7.15 18.88 4.74
N GLU B 85 -6.08 18.24 4.26
CA GLU B 85 -4.73 18.82 4.23
C GLU B 85 -4.24 19.06 2.81
N LYS B 86 -5.07 18.70 1.82
CA LYS B 86 -4.70 18.71 0.40
C LYS B 86 -3.45 17.87 0.13
N LYS B 87 -3.30 16.78 0.89
CA LYS B 87 -2.15 15.89 0.79
C LYS B 87 -2.58 14.45 0.57
N LEU B 88 -1.74 13.71 -0.13
CA LEU B 88 -1.96 12.30 -0.42
C LEU B 88 -0.59 11.61 -0.32
N HIS B 89 -0.61 10.30 -0.07
CA HIS B 89 0.59 9.47 -0.26
C HIS B 89 0.22 8.19 -1.00
N GLY B 90 0.97 7.93 -2.07
CA GLY B 90 0.77 6.73 -2.87
C GLY B 90 2.05 5.94 -3.00
N THR B 91 1.93 4.61 -2.88
CA THR B 91 3.01 3.68 -3.22
C THR B 91 2.59 2.88 -4.45
N ILE B 92 3.41 2.95 -5.50
CA ILE B 92 3.20 2.14 -6.70
C ILE B 92 4.28 1.06 -6.78
N PHE B 93 3.87 -0.19 -6.98
CA PHE B 93 4.83 -1.28 -7.19
C PHE B 93 4.80 -1.78 -8.63
N PHE B 94 5.69 -1.25 -9.46
CA PHE B 94 5.77 -1.61 -10.89
C PHE B 94 6.55 -2.90 -11.11
N PRO B 95 6.02 -3.81 -11.96
CA PRO B 95 6.84 -4.92 -12.44
C PRO B 95 8.01 -4.39 -13.24
N LYS B 96 9.14 -5.08 -13.16
CA LYS B 96 10.34 -4.71 -13.93
C LYS B 96 9.98 -4.35 -15.38
N TRP B 97 9.10 -5.14 -15.99
CA TRP B 97 8.77 -4.97 -17.40
C TRP B 97 8.10 -3.63 -17.74
N VAL B 98 7.36 -3.08 -16.79
CA VAL B 98 6.76 -1.76 -16.97
C VAL B 98 7.84 -0.66 -16.97
N GLU B 99 8.84 -0.80 -16.11
CA GLU B 99 10.02 0.10 -16.13
C GLU B 99 10.81 -0.04 -17.44
N GLU B 100 10.89 -1.26 -17.97
CA GLU B 100 11.67 -1.57 -19.17
C GLU B 100 10.89 -1.26 -20.47
N HIS B 101 9.57 -1.52 -20.46
CA HIS B 101 8.70 -1.19 -21.60
C HIS B 101 7.45 -0.37 -21.19
N PRO B 102 7.62 0.88 -20.71
CA PRO B 102 6.44 1.64 -20.20
C PRO B 102 5.34 1.90 -21.25
N GLU B 103 5.75 2.15 -22.49
CA GLU B 103 4.85 2.53 -23.59
C GLU B 103 3.83 1.47 -24.04
N ILE B 104 4.02 0.23 -23.59
CA ILE B 104 3.00 -0.82 -23.80
C ILE B 104 1.75 -0.49 -22.99
N THR B 105 1.97 0.08 -21.81
CA THR B 105 0.90 0.42 -20.86
C THR B 105 0.30 1.80 -21.13
N VAL B 106 0.94 2.59 -22.00
CA VAL B 106 0.44 3.93 -22.32
C VAL B 106 -0.61 3.84 -23.42
N THR B 107 -1.86 3.74 -22.97
CA THR B 107 -3.02 3.48 -23.83
C THR B 107 -4.26 3.55 -22.95
N TYR B 108 -5.45 3.39 -23.55
CA TYR B 108 -6.65 3.07 -22.79
C TYR B 108 -6.57 1.60 -22.49
N GLN B 109 -6.29 1.26 -21.23
CA GLN B 109 -6.16 -0.13 -20.82
C GLN B 109 -7.38 -0.98 -21.14
N ASN B 110 -8.58 -0.44 -20.93
CA ASN B 110 -9.84 -1.22 -21.06
C ASN B 110 -10.03 -1.90 -22.42
N GLU B 111 -9.36 -1.36 -23.43
CA GLU B 111 -9.39 -1.91 -24.79
C GLU B 111 -8.22 -2.87 -25.09
N HIS B 112 -7.25 -2.92 -24.18
CA HIS B 112 -6.04 -3.73 -24.37
C HIS B 112 -5.68 -4.63 -23.18
N ILE B 113 -6.71 -5.18 -22.52
CA ILE B 113 -6.53 -6.09 -21.39
C ILE B 113 -5.64 -7.29 -21.73
N ASP B 114 -5.92 -7.95 -22.87
CA ASP B 114 -5.20 -9.15 -23.30
C ASP B 114 -3.71 -8.88 -23.48
N LEU B 115 -3.38 -7.71 -24.04
CA LEU B 115 -1.98 -7.27 -24.18
C LEU B 115 -1.28 -7.09 -22.83
N MET B 116 -2.00 -6.57 -21.84
CA MET B 116 -1.44 -6.37 -20.50
C MET B 116 -1.17 -7.69 -19.82
N GLU B 117 -2.17 -8.57 -19.80
CA GLU B 117 -2.03 -9.93 -19.25
C GLU B 117 -0.95 -10.76 -19.94
N GLN B 118 -0.80 -10.62 -21.26
CA GLN B 118 0.22 -11.33 -22.03
C GLN B 118 1.64 -10.81 -21.76
N SER B 119 1.74 -9.51 -21.53
CA SER B 119 3.04 -8.88 -21.29
C SER B 119 3.60 -9.18 -19.90
N ARG B 120 2.71 -9.26 -18.90
CA ARG B 120 3.12 -9.55 -17.53
C ARG B 120 3.70 -10.95 -17.39
N GLU B 121 3.31 -11.84 -18.31
CA GLU B 121 3.78 -13.22 -18.37
C GLU B 121 5.04 -13.39 -19.23
N LYS B 122 5.11 -12.62 -20.32
CA LYS B 122 6.21 -12.73 -21.29
C LYS B 122 7.49 -12.03 -20.81
N TYR B 123 7.33 -10.92 -20.10
CA TYR B 123 8.48 -10.13 -19.64
C TYR B 123 8.81 -10.34 -18.16
N ALA B 124 9.81 -9.61 -17.67
CA ALA B 124 10.32 -9.81 -16.32
C ALA B 124 9.46 -9.14 -15.27
N THR B 125 9.29 -9.82 -14.14
CA THR B 125 8.57 -9.25 -13.00
C THR B 125 9.51 -8.52 -12.03
N TYR B 126 10.73 -9.05 -11.86
CA TYR B 126 11.66 -8.58 -10.82
C TYR B 126 13.00 -8.11 -11.42
N PRO B 127 13.67 -7.14 -10.75
CA PRO B 127 13.24 -6.44 -9.54
C PRO B 127 12.12 -5.45 -9.78
N LYS B 128 11.26 -5.26 -8.78
CA LYS B 128 10.18 -4.29 -8.85
C LYS B 128 10.77 -2.89 -8.70
N LEU B 129 10.18 -1.93 -9.41
CA LEU B 129 10.42 -0.51 -9.19
C LEU B 129 9.33 0.05 -8.27
N VAL B 130 9.70 0.36 -7.03
CA VAL B 130 8.79 0.91 -6.02
C VAL B 130 8.93 2.43 -5.94
N VAL B 131 7.79 3.11 -6.14
CA VAL B 131 7.69 4.56 -6.06
C VAL B 131 6.76 4.98 -4.87
N PRO B 132 7.46 5.19 -3.63
CA PRO B 132 6.83 5.76 -2.37
C PRO B 132 6.66 7.29 -2.35
N GLU B 133 5.61 7.97 -2.77
CA GLU B 133 5.77 9.44 -2.61
C GLU B 133 4.53 10.24 -2.18
N PHE B 134 4.73 11.33 -1.45
CA PHE B 134 3.67 12.30 -1.17
C PHE B 134 3.29 13.03 -2.45
N ALA B 135 2.04 13.49 -2.50
CA ALA B 135 1.56 14.36 -3.56
C ALA B 135 0.86 15.59 -2.96
N ASN B 136 0.83 16.67 -3.74
CA ASN B 136 0.04 17.85 -3.37
C ASN B 136 -1.22 17.90 -4.23
N ILE B 137 -2.38 18.02 -3.58
CA ILE B 137 -3.66 17.98 -4.29
C ILE B 137 -3.99 19.37 -4.81
N THR B 138 -4.11 19.51 -6.13
CA THR B 138 -4.35 20.82 -6.74
C THR B 138 -5.78 21.02 -7.23
N TYR B 139 -6.60 19.96 -7.15
CA TYR B 139 -8.00 20.00 -7.56
C TYR B 139 -8.84 18.97 -6.80
N MET B 140 -10.01 19.41 -6.34
CA MET B 140 -11.03 18.53 -5.75
C MET B 140 -12.42 18.89 -6.28
N GLY B 141 -12.98 17.98 -7.08
CA GLY B 141 -14.30 18.19 -7.66
C GLY B 141 -15.34 17.27 -7.07
N ASP B 142 -16.53 17.82 -6.82
CA ASP B 142 -17.68 17.06 -6.32
C ASP B 142 -18.45 16.45 -7.50
N ALA B 143 -17.92 15.35 -8.02
CA ALA B 143 -18.41 14.73 -9.26
C ALA B 143 -19.65 13.87 -9.08
N GLY B 144 -19.94 13.49 -7.83
CA GLY B 144 -20.99 12.52 -7.58
C GLY B 144 -20.51 11.12 -7.93
N GLN B 145 -21.10 10.11 -7.31
CA GLN B 145 -20.78 8.72 -7.60
C GLN B 145 -21.30 8.33 -8.99
N ASN B 146 -20.65 7.33 -9.61
CA ASN B 146 -21.07 6.73 -10.90
C ASN B 146 -21.24 7.72 -12.07
N ASN B 147 -20.32 8.66 -12.19
CA ASN B 147 -20.33 9.62 -13.27
C ASN B 147 -19.34 9.16 -14.35
N GLU B 148 -19.87 8.63 -15.45
CA GLU B 148 -19.04 8.03 -16.49
C GLU B 148 -18.30 9.08 -17.35
N ASP B 149 -18.68 10.34 -17.20
CA ASP B 149 -18.06 11.45 -17.95
C ASP B 149 -16.71 11.85 -17.40
N VAL B 150 -16.54 11.70 -16.09
CA VAL B 150 -15.33 12.16 -15.40
C VAL B 150 -14.04 11.77 -16.13
N ILE B 151 -13.79 10.46 -16.25
CA ILE B 151 -12.64 9.93 -16.99
C ILE B 151 -13.15 9.14 -18.21
N SER B 152 -13.41 9.84 -19.31
CA SER B 152 -14.02 9.23 -20.50
C SER B 152 -13.29 9.56 -21.82
N GLU B 153 -12.07 10.07 -21.71
CA GLU B 153 -11.25 10.32 -22.88
C GLU B 153 -9.79 10.30 -22.49
N ALA B 154 -8.92 10.14 -23.48
CA ALA B 154 -7.47 10.23 -23.31
C ALA B 154 -7.04 11.63 -22.84
N PRO B 155 -6.01 11.69 -21.99
CA PRO B 155 -5.48 13.00 -21.56
C PRO B 155 -4.86 13.79 -22.71
N TYR B 156 -4.96 15.10 -22.66
CA TYR B 156 -4.20 15.98 -23.55
C TYR B 156 -3.45 16.95 -22.67
N LYS B 157 -2.46 17.64 -23.24
CA LYS B 157 -1.55 18.51 -22.49
C LYS B 157 -2.25 19.49 -21.53
N GLU B 158 -3.19 20.29 -22.02
CA GLU B 158 -3.83 21.30 -21.16
C GLU B 158 -5.02 20.79 -20.34
N MET B 159 -5.25 19.47 -20.32
CA MET B 159 -6.42 18.90 -19.65
C MET B 159 -6.54 19.21 -18.16
N PRO B 160 -5.47 18.96 -17.36
CA PRO B 160 -5.57 19.33 -15.94
C PRO B 160 -5.85 20.82 -15.72
N ASN B 161 -5.21 21.69 -16.50
CA ASN B 161 -5.48 23.14 -16.45
C ASN B 161 -6.96 23.43 -16.73
N ASP B 162 -7.48 22.86 -17.82
CA ASP B 162 -8.89 23.00 -18.18
C ASP B 162 -9.84 22.56 -17.07
N ILE B 163 -9.50 21.47 -16.37
CA ILE B 163 -10.29 21.00 -15.23
C ILE B 163 -10.17 21.96 -14.03
N ARG B 164 -8.94 22.31 -13.65
CA ARG B 164 -8.69 23.30 -12.61
C ARG B 164 -9.35 24.65 -12.89
N ASN B 165 -9.37 25.05 -14.16
CA ASN B 165 -9.87 26.37 -14.55
C ASN B 165 -11.38 26.43 -14.75
N GLY B 166 -12.06 25.31 -14.50
CA GLY B 166 -13.52 25.23 -14.62
C GLY B 166 -14.02 25.35 -16.04
N LYS B 167 -13.29 24.74 -16.97
CA LYS B 167 -13.58 24.81 -18.41
C LYS B 167 -13.78 23.43 -19.02
N TYR B 168 -13.94 22.39 -18.21
CA TYR B 168 -14.02 21.03 -18.73
C TYR B 168 -15.42 20.46 -18.60
N PHE B 169 -16.03 20.69 -17.44
CA PHE B 169 -17.37 20.21 -17.09
C PHE B 169 -18.42 21.33 -17.05
N ASP B 170 -19.68 20.95 -17.17
CA ASP B 170 -20.79 21.88 -17.00
C ASP B 170 -21.23 21.89 -15.54
N GLN B 171 -22.32 22.61 -15.25
CA GLN B 171 -22.80 22.80 -13.87
C GLN B 171 -23.23 21.53 -13.16
N ASN B 172 -23.57 20.49 -13.95
CA ASN B 172 -23.95 19.18 -13.41
C ASN B 172 -22.83 18.13 -13.50
N TYR B 173 -21.59 18.61 -13.73
CA TYR B 173 -20.37 17.78 -13.79
C TYR B 173 -20.37 16.75 -14.93
N HIS B 174 -20.90 17.15 -16.07
CA HIS B 174 -20.83 16.39 -17.30
C HIS B 174 -19.95 17.17 -18.30
N ARG B 175 -19.21 16.45 -19.15
CA ARG B 175 -18.26 17.09 -20.10
C ARG B 175 -18.96 18.08 -21.00
N LEU B 176 -20.11 17.63 -21.50
CA LEU B 176 -20.93 18.28 -22.52
C LEU B 176 -20.67 17.70 -23.91
BA BA C . 9.53 -24.40 4.80
C1 IPA D . 0.54 -16.00 8.26
C2 IPA D . -0.27 -14.95 7.58
C3 IPA D . -0.48 -15.26 6.11
O2 IPA D . -1.48 -14.87 8.26
C1 IPA E . 2.17 -7.26 6.35
C2 IPA E . 2.34 -7.63 7.81
C3 IPA E . 3.77 -7.44 8.31
O2 IPA E . 1.43 -6.94 8.62
C1 IPA F . 4.73 -12.47 4.37
C2 IPA F . 5.27 -11.18 3.75
C3 IPA F . 4.68 -9.98 4.49
O2 IPA F . 6.68 -11.18 3.82
NA NA G . 15.12 -7.41 15.90
NA NA H . 10.51 -10.00 3.26
C1 IPA I . -1.25 5.71 -7.92
C2 IPA I . -1.89 6.73 -8.85
C3 IPA I . -3.28 6.32 -9.29
O2 IPA I . -1.92 7.99 -8.23
C1 IPA J . -0.39 2.62 -13.50
C2 IPA J . -0.93 2.01 -12.21
C3 IPA J . -1.31 3.11 -11.24
O2 IPA J . -2.08 1.27 -12.52
CL CL K . -5.24 -0.71 -13.65
NA NA L . 3.69 8.07 -14.58
NA NA M . -1.55 18.60 -10.00
#